data_4LAG
#
_entry.id   4LAG
#
_cell.length_a   79.302
_cell.length_b   79.302
_cell.length_c   107.206
_cell.angle_alpha   90.000
_cell.angle_beta   90.000
_cell.angle_gamma   120.000
#
_symmetry.space_group_name_H-M   'P 61 2 2'
#
loop_
_entity.id
_entity.type
_entity.pdbx_description
1 polymer 'Dihydrofolate reductase'
2 non-polymer 'NADP NICOTINAMIDE-ADENINE-DINUCLEOTIDE PHOSPHATE'
3 non-polymer 6-chloro-7-[5,6-dimethyl-2-(1,3-thiazol-2-yl)-1H-benzimidazol-1-yl]quinazoline-2,4-diamine
4 water water
#
_entity_poly.entity_id   1
_entity_poly.type   'polypeptide(L)'
_entity_poly.pdbx_seq_one_letter_code
;MTLSILVAHDLQRVIGFENQLPWHLPNDLKHVKKLSTGHTLVMGRKTFESIGKPLPNRRNVVLTSDTSFNVEGVDVIHSI
EDIYQLPGHVFIFGGQTLFEEMIDKVDDMYITVIEGKFRGDTFFPPYTFEDWEVASSVEGKLDEKNTIPHTFLHLIRKKL
EHHHHHH
;
_entity_poly.pdbx_strand_id   X
#
# COMPACT_ATOMS: atom_id res chain seq x y z
N THR A 2 -8.83 11.47 6.47
CA THR A 2 -7.54 10.79 6.79
C THR A 2 -6.82 10.33 5.53
N LEU A 3 -5.51 10.55 5.50
CA LEU A 3 -4.65 10.06 4.43
C LEU A 3 -3.65 9.08 5.05
N SER A 4 -3.71 7.84 4.60
CA SER A 4 -2.89 6.77 5.15
C SER A 4 -2.07 6.08 4.05
N ILE A 5 -0.95 5.47 4.44
CA ILE A 5 -0.26 4.53 3.58
C ILE A 5 -0.64 3.11 3.99
N LEU A 6 -0.85 2.25 2.99
CA LEU A 6 -0.90 0.81 3.20
C LEU A 6 0.30 0.24 2.48
N VAL A 7 1.10 -0.59 3.16
CA VAL A 7 2.25 -1.24 2.53
C VAL A 7 2.62 -2.55 3.22
N ALA A 8 3.08 -3.52 2.42
CA ALA A 8 3.74 -4.72 2.92
C ALA A 8 5.21 -4.62 2.51
N HIS A 9 6.11 -4.62 3.48
CA HIS A 9 7.54 -4.60 3.14
C HIS A 9 8.31 -5.60 3.97
N ASP A 10 9.43 -6.11 3.43
CA ASP A 10 10.19 -7.11 4.16
C ASP A 10 11.24 -6.48 5.10
N LEU A 11 12.12 -7.29 5.66
CA LEU A 11 13.09 -6.81 6.65
C LEU A 11 14.04 -5.72 6.11
N GLN A 12 14.16 -5.68 4.80
CA GLN A 12 15.04 -4.73 4.12
C GLN A 12 14.25 -3.73 3.29
N ARG A 13 12.95 -3.68 3.56
CA ARG A 13 11.97 -2.78 2.92
C ARG A 13 11.70 -3.08 1.44
N VAL A 14 12.04 -4.27 0.98
CA VAL A 14 11.57 -4.72 -0.34
C VAL A 14 10.03 -4.73 -0.36
N ILE A 15 9.47 -4.19 -1.45
CA ILE A 15 8.02 -4.23 -1.69
C ILE A 15 7.59 -4.99 -2.96
N GLY A 16 8.49 -5.15 -3.92
CA GLY A 16 8.11 -5.79 -5.18
C GLY A 16 9.27 -6.37 -5.94
N PHE A 17 8.93 -7.25 -6.88
CA PHE A 17 9.90 -7.78 -7.83
C PHE A 17 9.16 -8.07 -9.13
N GLU A 18 9.70 -7.52 -10.22
CA GLU A 18 9.11 -7.73 -11.54
C GLU A 18 7.59 -7.46 -11.57
N ASN A 19 7.22 -6.35 -10.96
CA ASN A 19 5.84 -5.85 -10.94
C ASN A 19 4.83 -6.74 -10.21
N GLN A 20 5.33 -7.57 -9.31
CA GLN A 20 4.47 -8.39 -8.47
C GLN A 20 5.01 -8.41 -7.04
N LEU A 21 4.23 -8.96 -6.11
CA LEU A 21 4.71 -9.17 -4.75
C LEU A 21 5.74 -10.30 -4.74
N PRO A 22 6.84 -10.12 -3.99
CA PRO A 22 7.82 -11.21 -3.89
C PRO A 22 7.35 -12.43 -3.08
N TRP A 23 6.28 -12.28 -2.32
CA TRP A 23 5.80 -13.31 -1.38
C TRP A 23 4.36 -13.70 -1.67
N HIS A 24 3.99 -14.90 -1.23
CA HIS A 24 2.60 -15.32 -1.23
C HIS A 24 2.11 -15.30 0.22
N LEU A 25 1.25 -14.33 0.54
CA LEU A 25 0.73 -14.20 1.90
C LEU A 25 -0.74 -13.80 1.88
N PRO A 26 -1.65 -14.79 1.74
CA PRO A 26 -3.08 -14.50 1.68
C PRO A 26 -3.57 -13.57 2.79
N ASN A 27 -3.05 -13.74 4.01
CA ASN A 27 -3.47 -12.91 5.14
C ASN A 27 -3.20 -11.41 4.95
N ASP A 28 -2.16 -11.06 4.19
CA ASP A 28 -1.91 -9.64 3.92
C ASP A 28 -3.00 -9.08 3.00
N LEU A 29 -3.38 -9.87 2.01
CA LEU A 29 -4.44 -9.48 1.10
C LEU A 29 -5.74 -9.27 1.87
N LYS A 30 -6.05 -10.20 2.77
CA LYS A 30 -7.24 -10.10 3.62
C LYS A 30 -7.20 -8.83 4.49
N HIS A 31 -6.02 -8.57 5.07
CA HIS A 31 -5.77 -7.39 5.90
C HIS A 31 -6.10 -6.11 5.15
N VAL A 32 -5.57 -5.98 3.95
CA VAL A 32 -5.77 -4.82 3.09
C VAL A 32 -7.23 -4.67 2.65
N LYS A 33 -7.87 -5.80 2.35
CA LYS A 33 -9.29 -5.81 2.00
C LYS A 33 -10.12 -5.27 3.15
N LYS A 34 -9.86 -5.78 4.35
CA LYS A 34 -10.62 -5.38 5.54
C LYS A 34 -10.44 -3.90 5.88
N LEU A 35 -9.21 -3.40 5.83
CA LEU A 35 -8.92 -2.00 6.17
C LEU A 35 -9.53 -0.99 5.20
N SER A 36 -9.56 -1.33 3.91
CA SER A 36 -9.95 -0.38 2.86
C SER A 36 -11.38 -0.51 2.34
N THR A 37 -12.15 -1.48 2.85
CA THR A 37 -13.54 -1.67 2.41
C THR A 37 -14.36 -0.40 2.62
N GLY A 38 -15.01 0.06 1.55
CA GLY A 38 -15.81 1.27 1.58
C GLY A 38 -15.01 2.57 1.59
N HIS A 39 -13.70 2.47 1.35
CA HIS A 39 -12.82 3.65 1.36
C HIS A 39 -12.21 3.89 -0.03
N THR A 40 -11.11 4.63 -0.09
CA THR A 40 -10.49 4.98 -1.37
C THR A 40 -9.04 4.52 -1.42
N LEU A 41 -8.66 3.88 -2.53
CA LEU A 41 -7.29 3.51 -2.79
C LEU A 41 -6.74 4.36 -3.93
N VAL A 42 -5.56 4.93 -3.70
CA VAL A 42 -4.81 5.63 -4.75
C VAL A 42 -3.55 4.83 -5.08
N MET A 43 -3.40 4.47 -6.35
CA MET A 43 -2.24 3.69 -6.77
C MET A 43 -1.61 4.24 -8.03
N GLY A 44 -0.32 3.96 -8.21
CA GLY A 44 0.36 4.28 -9.47
C GLY A 44 -0.11 3.39 -10.60
N ARG A 45 0.21 3.81 -11.82
CA ARG A 45 -0.21 3.08 -13.02
C ARG A 45 0.34 1.64 -13.04
N LYS A 46 1.59 1.44 -12.62
CA LYS A 46 2.19 0.11 -12.68
C LYS A 46 1.49 -0.86 -11.73
N THR A 47 1.23 -0.40 -10.50
CA THR A 47 0.47 -1.18 -9.51
C THR A 47 -0.90 -1.56 -10.05
N PHE A 48 -1.57 -0.62 -10.70
CA PHE A 48 -2.87 -0.94 -11.27
C PHE A 48 -2.76 -2.05 -12.31
N GLU A 49 -1.78 -1.94 -13.20
CA GLU A 49 -1.61 -2.94 -14.24
C GLU A 49 -1.25 -4.30 -13.66
N SER A 50 -0.56 -4.29 -12.51
CA SER A 50 -0.20 -5.51 -11.78
C SER A 50 -1.42 -6.26 -11.28
N ILE A 51 -2.37 -5.54 -10.71
CA ILE A 51 -3.61 -6.17 -10.22
C ILE A 51 -4.60 -6.42 -11.36
N GLY A 52 -4.52 -5.62 -12.42
CA GLY A 52 -5.24 -5.88 -13.67
C GLY A 52 -6.68 -5.37 -13.75
N LYS A 53 -7.34 -5.29 -12.59
CA LYS A 53 -8.72 -4.80 -12.47
C LYS A 53 -8.88 -4.08 -11.13
N PRO A 54 -9.82 -3.11 -11.04
CA PRO A 54 -10.06 -2.45 -9.76
C PRO A 54 -10.54 -3.44 -8.71
N LEU A 55 -10.20 -3.19 -7.45
CA LEU A 55 -10.71 -4.01 -6.36
C LEU A 55 -12.14 -3.58 -6.04
N PRO A 56 -13.08 -4.56 -6.01
CA PRO A 56 -14.50 -4.26 -5.75
C PRO A 56 -14.72 -3.68 -4.35
N ASN A 57 -15.79 -2.89 -4.24
CA ASN A 57 -16.31 -2.37 -2.96
C ASN A 57 -15.44 -1.29 -2.31
N ARG A 58 -14.66 -0.60 -3.14
CA ARG A 58 -13.95 0.62 -2.75
C ARG A 58 -13.68 1.45 -4.00
N ARG A 59 -13.42 2.74 -3.81
CA ARG A 59 -13.07 3.60 -4.92
C ARG A 59 -11.61 3.37 -5.30
N ASN A 60 -11.39 2.97 -6.56
CA ASN A 60 -10.04 2.78 -7.09
C ASN A 60 -9.61 3.99 -7.92
N VAL A 61 -8.54 4.66 -7.47
CA VAL A 61 -8.02 5.83 -8.15
C VAL A 61 -6.61 5.52 -8.65
N VAL A 62 -6.37 5.77 -9.93
CA VAL A 62 -5.07 5.53 -10.54
C VAL A 62 -4.39 6.84 -10.94
N LEU A 63 -3.16 7.01 -10.47
CA LEU A 63 -2.32 8.14 -10.86
C LEU A 63 -1.44 7.77 -12.05
N THR A 64 -1.60 8.51 -13.14
CA THR A 64 -0.84 8.28 -14.37
C THR A 64 -0.73 9.57 -15.18
N SER A 65 0.34 9.71 -15.96
CA SER A 65 0.46 10.82 -16.92
C SER A 65 -0.29 10.55 -18.22
N ASP A 66 -0.79 9.32 -18.39
CA ASP A 66 -1.46 8.90 -19.61
C ASP A 66 -2.87 9.50 -19.70
N THR A 67 -3.02 10.48 -20.60
CA THR A 67 -4.32 11.13 -20.80
C THR A 67 -5.31 10.26 -21.57
N SER A 68 -4.81 9.15 -22.13
CA SER A 68 -5.68 8.17 -22.77
C SER A 68 -6.24 7.14 -21.77
N PHE A 69 -5.78 7.20 -20.52
CA PHE A 69 -6.25 6.28 -19.50
C PHE A 69 -7.70 6.59 -19.12
N ASN A 70 -8.57 5.62 -19.37
CA ASN A 70 -9.99 5.72 -19.03
C ASN A 70 -10.57 4.33 -18.89
N VAL A 71 -10.39 3.75 -17.71
CA VAL A 71 -10.75 2.35 -17.46
C VAL A 71 -12.04 2.27 -16.63
N GLU A 72 -12.94 1.37 -17.02
CA GLU A 72 -14.19 1.15 -16.31
C GLU A 72 -13.95 0.72 -14.85
N GLY A 73 -14.66 1.36 -13.93
CA GLY A 73 -14.54 1.08 -12.49
C GLY A 73 -13.33 1.73 -11.83
N VAL A 74 -12.63 2.58 -12.57
CA VAL A 74 -11.45 3.28 -12.07
C VAL A 74 -11.57 4.77 -12.33
N ASP A 75 -11.22 5.57 -11.33
CA ASP A 75 -11.10 7.02 -11.49
C ASP A 75 -9.64 7.38 -11.70
N VAL A 76 -9.38 8.28 -12.63
CA VAL A 76 -8.00 8.64 -12.95
C VAL A 76 -7.64 10.04 -12.46
N ILE A 77 -6.42 10.18 -11.96
CA ILE A 77 -5.85 11.49 -11.64
C ILE A 77 -4.48 11.62 -12.31
N HIS A 78 -4.04 12.86 -12.53
CA HIS A 78 -2.79 13.11 -13.25
C HIS A 78 -1.76 13.90 -12.45
N SER A 79 -2.09 14.18 -11.18
CA SER A 79 -1.24 14.98 -10.32
C SER A 79 -1.33 14.46 -8.88
N ILE A 80 -0.22 14.57 -8.16
CA ILE A 80 -0.21 14.29 -6.72
C ILE A 80 -1.20 15.19 -5.99
N GLU A 81 -1.30 16.43 -6.45
CA GLU A 81 -2.20 17.42 -5.85
C GLU A 81 -3.66 16.98 -5.87
N ASP A 82 -4.04 16.22 -6.89
CA ASP A 82 -5.41 15.69 -7.02
C ASP A 82 -5.83 14.80 -5.85
N ILE A 83 -4.87 14.10 -5.24
CA ILE A 83 -5.12 13.22 -4.10
C ILE A 83 -5.83 13.95 -2.97
N TYR A 84 -5.39 15.18 -2.69
CA TYR A 84 -5.92 15.99 -1.59
C TYR A 84 -7.37 16.46 -1.79
N GLN A 85 -7.91 16.24 -2.99
CA GLN A 85 -9.29 16.60 -3.31
C GLN A 85 -10.25 15.42 -3.20
N LEU A 86 -9.72 14.23 -2.91
CA LEU A 86 -10.53 13.02 -2.75
C LEU A 86 -11.10 12.97 -1.34
N PRO A 87 -12.44 12.81 -1.22
CA PRO A 87 -13.10 12.76 0.09
C PRO A 87 -12.89 11.44 0.83
N GLY A 88 -13.17 11.46 2.14
CA GLY A 88 -13.16 10.26 2.97
C GLY A 88 -11.77 9.79 3.35
N HIS A 89 -11.68 8.55 3.82
CA HIS A 89 -10.41 7.95 4.15
C HIS A 89 -9.70 7.47 2.88
N VAL A 90 -8.56 8.08 2.59
CA VAL A 90 -7.79 7.77 1.39
C VAL A 90 -6.55 6.95 1.78
N PHE A 91 -6.34 5.83 1.09
CA PHE A 91 -5.16 4.98 1.31
C PHE A 91 -4.22 5.03 0.12
N ILE A 92 -2.98 5.42 0.37
CA ILE A 92 -1.92 5.33 -0.64
C ILE A 92 -1.53 3.85 -0.74
N PHE A 93 -1.72 3.29 -1.94
CA PHE A 93 -1.76 1.84 -2.17
C PHE A 93 -0.51 1.30 -2.89
N GLY A 94 0.39 2.21 -3.27
CA GLY A 94 1.62 1.84 -3.98
C GLY A 94 1.69 2.42 -5.38
N GLY A 95 2.80 2.17 -6.08
CA GLY A 95 3.90 1.36 -5.56
C GLY A 95 5.04 2.24 -5.06
N GLN A 96 6.27 1.85 -5.37
CA GLN A 96 7.45 2.56 -4.86
C GLN A 96 7.39 4.07 -5.09
N THR A 97 7.07 4.46 -6.33
CA THR A 97 7.03 5.85 -6.71
C THR A 97 6.01 6.62 -5.87
N LEU A 98 4.80 6.09 -5.76
CA LEU A 98 3.76 6.69 -4.90
C LEU A 98 4.17 6.80 -3.44
N PHE A 99 4.76 5.73 -2.91
CA PHE A 99 5.23 5.73 -1.51
C PHE A 99 6.29 6.81 -1.27
N GLU A 100 7.21 6.95 -2.23
CA GLU A 100 8.28 7.94 -2.12
C GLU A 100 7.71 9.36 -2.13
N GLU A 101 6.69 9.57 -2.95
CA GLU A 101 6.05 10.87 -3.09
C GLU A 101 5.14 11.24 -1.90
N MET A 102 4.66 10.24 -1.17
CA MET A 102 3.63 10.48 -0.15
C MET A 102 4.02 10.22 1.30
N ILE A 103 5.15 9.55 1.54
CA ILE A 103 5.52 9.20 2.92
C ILE A 103 5.64 10.44 3.84
N ASP A 104 6.10 11.56 3.30
CA ASP A 104 6.20 12.79 4.09
C ASP A 104 4.87 13.53 4.29
N LYS A 105 3.81 13.03 3.64
CA LYS A 105 2.52 13.73 3.61
C LYS A 105 1.40 13.03 4.38
N VAL A 106 1.53 11.72 4.61
CA VAL A 106 0.43 10.94 5.18
C VAL A 106 0.35 11.08 6.71
N ASP A 107 -0.85 10.87 7.24
CA ASP A 107 -1.13 10.96 8.68
C ASP A 107 -0.57 9.75 9.42
N ASP A 108 -0.69 8.59 8.79
CA ASP A 108 -0.34 7.32 9.41
C ASP A 108 -0.03 6.28 8.34
N MET A 109 0.45 5.14 8.81
CA MET A 109 0.82 4.03 7.95
C MET A 109 0.36 2.71 8.55
N TYR A 110 -0.25 1.88 7.71
CA TYR A 110 -0.60 0.51 8.08
C TYR A 110 0.34 -0.40 7.33
N ILE A 111 1.33 -0.91 8.07
CA ILE A 111 2.41 -1.68 7.47
C ILE A 111 2.29 -3.15 7.85
N THR A 112 2.42 -4.01 6.85
CA THR A 112 2.64 -5.42 7.10
C THR A 112 4.14 -5.67 6.94
N VAL A 113 4.82 -5.87 8.06
CA VAL A 113 6.24 -6.23 8.04
C VAL A 113 6.36 -7.71 7.75
N ILE A 114 6.91 -8.03 6.59
CA ILE A 114 7.15 -9.42 6.20
C ILE A 114 8.53 -9.77 6.77
N GLU A 115 8.54 -10.67 7.75
CA GLU A 115 9.74 -10.94 8.53
C GLU A 115 10.66 -11.93 7.82
N GLY A 116 11.04 -11.56 6.60
CA GLY A 116 11.97 -12.35 5.80
C GLY A 116 12.80 -11.44 4.92
N LYS A 117 13.73 -12.04 4.18
CA LYS A 117 14.58 -11.31 3.24
C LYS A 117 14.37 -11.85 1.83
N PHE A 118 13.72 -11.05 0.98
CA PHE A 118 13.37 -11.43 -0.38
C PHE A 118 14.21 -10.69 -1.41
N ARG A 119 14.28 -11.23 -2.64
CA ARG A 119 14.85 -10.49 -3.77
C ARG A 119 13.83 -9.44 -4.19
N GLY A 120 14.26 -8.19 -4.27
CA GLY A 120 13.37 -7.12 -4.71
C GLY A 120 13.99 -6.22 -5.76
N ASP A 121 13.15 -5.52 -6.50
CA ASP A 121 13.62 -4.46 -7.38
C ASP A 121 12.96 -3.12 -7.09
N THR A 122 12.07 -3.12 -6.08
CA THR A 122 11.41 -1.91 -5.63
C THR A 122 11.30 -1.92 -4.11
N PHE A 123 11.36 -0.73 -3.51
CA PHE A 123 11.51 -0.60 -2.04
C PHE A 123 10.60 0.46 -1.46
N PHE A 124 10.20 0.26 -0.20
CA PHE A 124 9.57 1.32 0.57
C PHE A 124 10.72 2.22 1.05
N PRO A 125 10.49 3.55 1.11
CA PRO A 125 11.56 4.44 1.58
C PRO A 125 11.88 4.24 3.06
N PRO A 126 13.14 4.48 3.45
CA PRO A 126 13.52 4.41 4.87
C PRO A 126 12.66 5.33 5.72
N TYR A 127 12.38 4.89 6.94
CA TYR A 127 11.68 5.69 7.94
C TYR A 127 12.22 5.32 9.31
N THR A 128 12.01 6.20 10.28
CA THR A 128 12.53 5.98 11.63
C THR A 128 11.41 6.04 12.65
N PHE A 129 11.46 5.15 13.64
CA PHE A 129 10.48 5.13 14.74
C PHE A 129 10.57 6.36 15.66
N GLU A 130 11.57 7.20 15.44
CA GLU A 130 11.64 8.50 16.12
C GLU A 130 10.52 9.42 15.64
N ASP A 131 10.05 9.17 14.41
CA ASP A 131 9.04 10.01 13.78
C ASP A 131 7.62 9.42 13.89
N TRP A 132 7.52 8.16 14.31
CA TRP A 132 6.27 7.41 14.23
C TRP A 132 5.98 6.68 15.52
N GLU A 133 4.80 6.92 16.07
CA GLU A 133 4.35 6.20 17.25
C GLU A 133 3.69 4.89 16.85
N VAL A 134 3.99 3.82 17.61
CA VAL A 134 3.41 2.52 17.33
C VAL A 134 2.02 2.47 17.97
N ALA A 135 1.00 2.74 17.16
CA ALA A 135 -0.39 2.70 17.65
C ALA A 135 -0.79 1.26 17.99
N SER A 136 -0.30 0.32 17.20
CA SER A 136 -0.50 -1.10 17.47
C SER A 136 0.52 -1.94 16.70
N SER A 137 0.79 -3.12 17.23
CA SER A 137 1.69 -4.08 16.61
C SER A 137 1.14 -5.45 16.94
N VAL A 138 0.76 -6.19 15.90
CA VAL A 138 0.05 -7.46 16.05
C VAL A 138 0.72 -8.51 15.20
N GLU A 139 1.16 -9.59 15.84
CA GLU A 139 1.81 -10.67 15.13
C GLU A 139 0.77 -11.44 14.31
N GLY A 140 1.10 -11.65 13.04
CA GLY A 140 0.23 -12.43 12.15
C GLY A 140 0.25 -13.90 12.51
N LYS A 141 -0.89 -14.56 12.38
CA LYS A 141 -0.98 -15.98 12.65
C LYS A 141 -0.50 -16.78 11.45
N LEU A 142 0.30 -17.80 11.73
CA LEU A 142 0.81 -18.68 10.70
C LEU A 142 0.01 -19.97 10.64
N ASP A 143 -0.22 -20.44 9.42
CA ASP A 143 -0.88 -21.70 9.17
C ASP A 143 -0.40 -22.27 7.84
N GLU A 144 -1.15 -23.21 7.29
CA GLU A 144 -0.78 -23.87 6.04
C GLU A 144 -0.74 -22.91 4.85
N LYS A 145 -1.65 -21.95 4.83
CA LYS A 145 -1.73 -20.99 3.72
C LYS A 145 -0.85 -19.75 3.91
N ASN A 146 -0.38 -19.55 5.15
CA ASN A 146 0.38 -18.34 5.52
C ASN A 146 1.61 -18.72 6.35
N THR A 147 2.74 -18.87 5.68
CA THR A 147 3.91 -19.53 6.27
C THR A 147 5.11 -18.61 6.55
N ILE A 148 4.99 -17.35 6.12
CA ILE A 148 6.03 -16.35 6.40
C ILE A 148 5.61 -15.53 7.62
N PRO A 149 6.48 -15.43 8.64
CA PRO A 149 6.13 -14.59 9.80
C PRO A 149 5.91 -13.16 9.34
N HIS A 150 4.90 -12.52 9.93
CA HIS A 150 4.57 -11.14 9.58
C HIS A 150 3.95 -10.44 10.76
N THR A 151 4.09 -9.12 10.77
CA THR A 151 3.55 -8.29 11.85
C THR A 151 2.81 -7.11 11.25
N PHE A 152 1.59 -6.88 11.73
CA PHE A 152 0.80 -5.73 11.30
C PHE A 152 1.09 -4.57 12.24
N LEU A 153 1.68 -3.51 11.69
CA LEU A 153 1.98 -2.29 12.43
C LEU A 153 1.03 -1.19 12.01
N HIS A 154 0.52 -0.45 12.99
CA HIS A 154 -0.12 0.83 12.68
C HIS A 154 0.71 1.93 13.31
N LEU A 155 1.30 2.76 12.44
CA LEU A 155 2.19 3.85 12.86
C LEU A 155 1.52 5.19 12.62
N ILE A 156 1.60 6.07 13.61
CA ILE A 156 1.00 7.40 13.50
C ILE A 156 2.11 8.45 13.62
N ARG A 157 2.13 9.41 12.71
CA ARG A 157 3.18 10.44 12.73
C ARG A 157 3.16 11.23 14.03
N LYS A 158 4.32 11.35 14.68
CA LYS A 158 4.44 12.08 15.94
C LYS A 158 4.28 13.58 15.69
#